data_7CRV
#
_entry.id   7CRV
#
_cell.length_a   83.955
_cell.length_b   83.955
_cell.length_c   156.544
_cell.angle_alpha   90.000
_cell.angle_beta   90.000
_cell.angle_gamma   120.000
#
_symmetry.space_group_name_H-M   'P 31 2 1'
#
loop_
_entity.id
_entity.type
_entity.pdbx_description
1 polymer 'NLR family protein 1'
2 polymer 'NLR family protein 1'
#
loop_
_entity_poly.entity_id
_entity_poly.type
_entity_poly.pdbx_seq_one_letter_code
_entity_poly.pdbx_strand_id
1 'polypeptide(L)'
;TKNPKLFISSTWMSHMTMPTENTDGEESLTSSKQQQQQSGDKHMEPLGTDDDFWGPSGPVSTEVVDRERNLYRVRLPMAG
SYHCPSTGLHFVVTRAVTIEIGFCAWSQFLHETPLQHSHMVAGPLFDIKAEHGAVTAVCLPHFVSLQEGKVDSSLFHVAH
FQDHGMVLETPARVEPHFAVLENPSF
;
A,C
2 'polypeptide(L)'
;SPMGVLLRMIPAVGHFIPITSITLIYYRLYLEDITFHLYLVPNDCTIRKAIDEEELKFQFVRINKPPPVDALYVGSRYIV
SSSKEVEILPKELELCYRSPRESQLFSEIYVGNIGSGINLQLTDKKYMNLIWEALLKPGDLRPALPRMASAPKD
;
D,B
#
# COMPACT_ATOMS: atom_id res chain seq x y z
N LEU A 47 -11.03 23.42 -17.31
CA LEU A 47 -10.53 24.77 -17.50
C LEU A 47 -9.01 24.80 -17.71
N GLY A 48 -8.49 23.93 -18.58
CA GLY A 48 -7.07 23.89 -18.86
C GLY A 48 -6.72 23.12 -20.13
N THR A 49 -5.71 23.60 -20.88
CA THR A 49 -5.38 23.01 -22.18
C THR A 49 -4.89 21.56 -22.05
N ASP A 50 -4.41 21.17 -20.85
CA ASP A 50 -3.93 19.81 -20.68
C ASP A 50 -5.05 18.80 -20.60
N ASP A 51 -6.24 19.23 -20.18
CA ASP A 51 -7.35 18.31 -19.92
C ASP A 51 -8.40 18.33 -21.04
N ASP A 52 -8.06 18.86 -22.22
CA ASP A 52 -8.99 18.92 -23.36
C ASP A 52 -9.34 17.52 -23.87
N PHE A 53 -10.54 17.40 -24.43
CA PHE A 53 -10.91 16.29 -25.28
C PHE A 53 -10.66 16.69 -26.73
N TRP A 54 -10.15 15.76 -27.51
CA TRP A 54 -10.04 15.93 -28.95
C TRP A 54 -11.32 15.43 -29.59
N GLY A 55 -11.98 16.28 -30.36
CA GLY A 55 -13.24 15.90 -30.96
C GLY A 55 -13.30 16.28 -32.42
N PRO A 56 -14.39 15.88 -33.08
CA PRO A 56 -14.50 16.17 -34.52
C PRO A 56 -14.49 17.68 -34.84
N SER A 57 -15.13 18.55 -34.04
CA SER A 57 -15.01 19.98 -34.27
C SER A 57 -13.90 20.63 -33.44
N GLY A 58 -12.75 19.98 -33.23
CA GLY A 58 -11.67 20.57 -32.46
C GLY A 58 -11.74 20.20 -31.00
N PRO A 59 -11.06 20.97 -30.15
CA PRO A 59 -10.95 20.58 -28.74
C PRO A 59 -12.10 21.12 -27.91
N VAL A 60 -12.52 20.30 -26.94
CA VAL A 60 -13.56 20.67 -25.99
C VAL A 60 -12.98 20.59 -24.59
N SER A 61 -13.16 21.66 -23.83
CA SER A 61 -12.48 21.81 -22.55
C SER A 61 -13.23 21.09 -21.46
N THR A 62 -12.48 20.37 -20.62
CA THR A 62 -13.04 19.81 -19.41
C THR A 62 -13.24 20.91 -18.38
N GLU A 63 -14.38 20.86 -17.68
CA GLU A 63 -14.70 21.82 -16.64
C GLU A 63 -14.60 21.15 -15.28
N VAL A 64 -14.01 21.85 -14.32
CA VAL A 64 -13.90 21.34 -12.96
C VAL A 64 -15.21 21.62 -12.22
N VAL A 65 -15.78 20.58 -11.63
CA VAL A 65 -17.04 20.71 -10.89
C VAL A 65 -16.78 20.76 -9.39
N ASP A 66 -15.79 20.00 -8.92
CA ASP A 66 -15.36 20.01 -7.52
C ASP A 66 -13.88 19.64 -7.51
N ARG A 67 -13.02 20.65 -7.35
CA ARG A 67 -11.58 20.45 -7.44
C ARG A 67 -11.07 19.47 -6.39
N GLU A 68 -11.60 19.53 -5.17
CA GLU A 68 -11.10 18.70 -4.08
C GLU A 68 -11.60 17.27 -4.17
N ARG A 69 -12.74 17.02 -4.81
CA ARG A 69 -13.25 15.68 -4.97
C ARG A 69 -12.96 15.10 -6.36
N ASN A 70 -12.21 15.83 -7.18
CA ASN A 70 -11.86 15.43 -8.55
C ASN A 70 -13.10 15.06 -9.36
N LEU A 71 -14.07 15.97 -9.39
CA LEU A 71 -15.28 15.80 -10.18
C LEU A 71 -15.22 16.78 -11.35
N TYR A 72 -15.30 16.26 -12.57
CA TYR A 72 -15.12 17.04 -13.78
C TYR A 72 -16.34 16.85 -14.69
N ARG A 73 -16.38 17.64 -15.76
CA ARG A 73 -17.54 17.65 -16.64
C ARG A 73 -17.09 18.11 -18.01
N VAL A 74 -17.64 17.48 -19.05
CA VAL A 74 -17.38 17.87 -20.43
C VAL A 74 -18.71 17.92 -21.17
N ARG A 75 -18.87 18.94 -22.01
CA ARG A 75 -20.06 19.10 -22.83
C ARG A 75 -19.62 18.77 -24.25
N LEU A 76 -19.88 17.53 -24.67
CA LEU A 76 -19.47 17.11 -26.01
C LEU A 76 -20.46 17.74 -26.99
N PRO A 77 -19.99 18.53 -27.96
CA PRO A 77 -20.92 19.40 -28.71
C PRO A 77 -21.73 18.70 -29.79
N MET A 78 -21.35 17.49 -30.22
CA MET A 78 -22.04 16.83 -31.32
C MET A 78 -21.68 15.36 -31.34
N ALA A 79 -22.40 14.60 -32.18
CA ALA A 79 -22.08 13.19 -32.38
C ALA A 79 -20.66 13.00 -32.92
N GLY A 80 -20.05 11.86 -32.56
CA GLY A 80 -18.74 11.48 -33.03
C GLY A 80 -17.88 10.93 -31.90
N SER A 81 -16.58 10.82 -32.19
CA SER A 81 -15.59 10.21 -31.30
C SER A 81 -14.74 11.29 -30.62
N TYR A 82 -14.57 11.16 -29.31
CA TYR A 82 -13.81 12.12 -28.51
C TYR A 82 -12.74 11.36 -27.75
N HIS A 83 -11.55 11.95 -27.64
CA HIS A 83 -10.40 11.33 -26.97
C HIS A 83 -9.78 12.34 -26.02
N CYS A 84 -9.63 11.96 -24.76
CA CYS A 84 -8.94 12.79 -23.78
C CYS A 84 -7.58 12.18 -23.48
N PRO A 85 -6.49 12.75 -24.03
CA PRO A 85 -5.16 12.14 -23.84
C PRO A 85 -4.67 12.20 -22.43
N SER A 86 -5.19 13.14 -21.64
CA SER A 86 -4.79 13.34 -20.26
C SER A 86 -5.26 12.22 -19.35
N THR A 87 -6.43 11.64 -19.62
CA THR A 87 -6.95 10.52 -18.85
C THR A 87 -6.88 9.20 -19.59
N GLY A 88 -6.76 9.22 -20.91
CA GLY A 88 -6.87 8.00 -21.69
C GLY A 88 -8.28 7.59 -22.03
N LEU A 89 -9.28 8.35 -21.59
CA LEU A 89 -10.68 8.03 -21.89
C LEU A 89 -11.04 8.42 -23.33
N HIS A 90 -11.78 7.55 -24.01
CA HIS A 90 -12.49 7.92 -25.24
C HIS A 90 -13.99 7.70 -25.05
N PHE A 91 -14.78 8.55 -25.71
CA PHE A 91 -16.24 8.41 -25.78
C PHE A 91 -16.66 8.48 -27.23
N VAL A 92 -17.54 7.57 -27.63
CA VAL A 92 -18.24 7.63 -28.92
C VAL A 92 -19.69 7.92 -28.61
N VAL A 93 -20.19 9.07 -29.07
CA VAL A 93 -21.54 9.49 -28.74
C VAL A 93 -22.36 9.72 -30.01
N THR A 94 -23.68 9.69 -29.83
CA THR A 94 -24.64 9.79 -30.93
C THR A 94 -25.24 11.18 -31.10
N ARG A 95 -25.01 12.06 -30.14
CA ARG A 95 -25.64 13.38 -30.07
C ARG A 95 -24.87 14.18 -29.03
N ALA A 96 -25.08 15.50 -29.05
CA ALA A 96 -24.58 16.34 -27.96
C ALA A 96 -25.04 15.81 -26.61
N VAL A 97 -24.11 15.76 -25.65
CA VAL A 97 -24.45 15.20 -24.34
C VAL A 97 -23.43 15.70 -23.34
N THR A 98 -23.88 15.90 -22.11
CA THR A 98 -23.00 16.24 -21.00
C THR A 98 -22.63 14.96 -20.24
N ILE A 99 -21.32 14.76 -20.07
CA ILE A 99 -20.75 13.61 -19.38
C ILE A 99 -20.00 14.13 -18.17
N GLU A 100 -20.30 13.60 -17.00
CA GLU A 100 -19.39 13.99 -15.93
C GLU A 100 -18.62 12.78 -15.39
N ILE A 101 -17.40 13.09 -14.95
CA ILE A 101 -16.32 12.14 -14.75
C ILE A 101 -15.68 12.46 -13.42
N GLY A 102 -15.74 11.52 -12.48
CA GLY A 102 -15.09 11.64 -11.18
C GLY A 102 -13.94 10.65 -11.08
N PHE A 103 -12.85 11.08 -10.47
CA PHE A 103 -11.74 10.15 -10.20
C PHE A 103 -12.03 9.37 -8.92
N CYS A 104 -11.79 8.06 -8.95
CA CYS A 104 -12.03 7.19 -7.81
C CYS A 104 -10.80 6.36 -7.49
N ALA A 105 -10.77 5.81 -6.29
CA ALA A 105 -9.77 4.82 -5.89
C ALA A 105 -10.44 3.47 -5.76
N TRP A 106 -9.74 2.44 -6.24
CA TRP A 106 -10.30 1.09 -6.15
C TRP A 106 -10.41 0.61 -4.70
N SER A 107 -9.62 1.19 -3.78
CA SER A 107 -9.50 0.58 -2.45
C SER A 107 -10.82 0.60 -1.71
N GLN A 108 -11.67 1.59 -2.00
CA GLN A 108 -13.04 1.69 -1.48
C GLN A 108 -13.95 0.55 -1.95
N PHE A 109 -13.60 -0.12 -3.05
CA PHE A 109 -14.50 -0.97 -3.82
C PHE A 109 -13.98 -2.38 -4.05
N LEU A 110 -12.67 -2.51 -4.18
CA LEU A 110 -12.02 -3.76 -4.49
C LEU A 110 -11.21 -4.16 -3.27
N HIS A 111 -11.58 -5.27 -2.65
CA HIS A 111 -10.85 -5.73 -1.48
C HIS A 111 -10.19 -7.08 -1.78
N GLU A 112 -9.52 -7.63 -0.76
CA GLU A 112 -8.94 -8.96 -0.88
C GLU A 112 -9.97 -9.96 -0.33
N THR A 113 -11.01 -10.19 -1.14
CA THR A 113 -12.13 -11.10 -0.89
C THR A 113 -11.93 -12.35 -1.74
N PRO A 114 -12.54 -13.47 -1.37
CA PRO A 114 -12.35 -14.68 -2.19
C PRO A 114 -12.70 -14.45 -3.67
N LEU A 115 -13.63 -13.55 -3.96
CA LEU A 115 -14.02 -13.31 -5.35
C LEU A 115 -13.06 -12.35 -6.03
N GLN A 116 -12.71 -11.25 -5.38
CA GLN A 116 -11.94 -10.19 -6.03
C GLN A 116 -10.43 -10.43 -6.02
N HIS A 117 -9.94 -11.32 -5.16
CA HIS A 117 -8.50 -11.50 -4.96
C HIS A 117 -7.76 -11.88 -6.25
N SER A 118 -8.40 -12.61 -7.16
CA SER A 118 -7.72 -13.07 -8.37
C SER A 118 -7.68 -12.03 -9.49
N HIS A 119 -8.24 -10.85 -9.28
CA HIS A 119 -8.28 -9.77 -10.27
C HIS A 119 -7.40 -8.62 -9.81
N MET A 120 -6.54 -8.16 -10.71
CA MET A 120 -5.60 -7.10 -10.43
C MET A 120 -6.12 -5.80 -11.03
N VAL A 121 -5.86 -4.68 -10.33
CA VAL A 121 -6.11 -3.37 -10.93
C VAL A 121 -5.27 -3.21 -12.20
N ALA A 122 -5.93 -2.88 -13.33
CA ALA A 122 -5.22 -2.72 -14.59
C ALA A 122 -5.38 -1.33 -15.20
N GLY A 123 -6.10 -0.43 -14.54
CA GLY A 123 -6.34 0.89 -15.03
C GLY A 123 -7.07 1.71 -13.99
N PRO A 124 -7.22 3.00 -14.27
CA PRO A 124 -7.86 3.90 -13.31
C PRO A 124 -9.35 3.62 -13.18
N LEU A 125 -9.91 4.03 -12.05
CA LEU A 125 -11.32 3.87 -11.76
C LEU A 125 -12.02 5.22 -11.90
N PHE A 126 -13.03 5.28 -12.77
CA PHE A 126 -13.80 6.50 -13.01
C PHE A 126 -15.27 6.30 -12.68
N ASP A 127 -15.87 7.29 -12.01
CA ASP A 127 -17.33 7.40 -11.88
C ASP A 127 -17.83 8.25 -13.05
N ILE A 128 -18.51 7.62 -14.00
CA ILE A 128 -18.99 8.30 -15.19
C ILE A 128 -20.52 8.34 -15.18
N LYS A 129 -21.08 9.50 -15.52
CA LYS A 129 -22.52 9.68 -15.59
C LYS A 129 -22.85 10.37 -16.91
N ALA A 130 -23.74 9.76 -17.69
CA ALA A 130 -24.20 10.33 -18.95
C ALA A 130 -25.59 9.77 -19.23
N GLU A 131 -26.38 10.53 -19.98
CA GLU A 131 -27.76 10.13 -20.27
C GLU A 131 -27.79 8.86 -21.11
N HIS A 132 -28.71 7.95 -20.78
CA HIS A 132 -28.81 6.71 -21.55
C HIS A 132 -29.19 7.01 -22.99
N GLY A 133 -28.67 6.19 -23.89
CA GLY A 133 -28.91 6.37 -25.31
C GLY A 133 -27.99 7.36 -25.98
N ALA A 134 -27.16 8.07 -25.24
CA ALA A 134 -26.26 9.00 -25.89
C ALA A 134 -24.89 8.41 -26.17
N VAL A 135 -24.49 7.34 -25.50
CA VAL A 135 -23.12 6.86 -25.56
C VAL A 135 -23.09 5.51 -26.27
N THR A 136 -22.49 5.51 -27.49
CA THR A 136 -22.21 4.29 -28.25
C THR A 136 -21.19 3.41 -27.54
N ALA A 137 -20.11 4.01 -27.04
CA ALA A 137 -19.03 3.25 -26.45
C ALA A 137 -18.21 4.15 -25.55
N VAL A 138 -17.64 3.55 -24.51
CA VAL A 138 -16.58 4.20 -23.73
C VAL A 138 -15.34 3.34 -23.86
N CYS A 139 -14.19 3.98 -23.98
CA CYS A 139 -12.91 3.29 -23.98
C CYS A 139 -12.25 3.61 -22.64
N LEU A 140 -12.07 2.58 -21.81
CA LEU A 140 -11.48 2.74 -20.48
C LEU A 140 -10.00 2.41 -20.55
N PRO A 141 -9.12 3.34 -20.17
CA PRO A 141 -7.67 3.08 -20.29
C PRO A 141 -7.20 1.97 -19.35
N HIS A 142 -6.13 1.31 -19.77
CA HIS A 142 -5.45 0.33 -18.92
C HIS A 142 -3.96 0.46 -19.17
N PHE A 143 -3.15 0.13 -18.16
CA PHE A 143 -1.71 0.26 -18.31
C PHE A 143 -1.00 -1.09 -18.53
N VAL A 144 -1.72 -2.15 -18.89
CA VAL A 144 -1.06 -3.42 -19.18
C VAL A 144 -0.40 -3.33 -20.55
N SER A 145 0.82 -3.84 -20.67
CA SER A 145 1.49 -3.90 -21.95
C SER A 145 1.06 -5.16 -22.70
N LEU A 146 0.57 -4.99 -23.92
CA LEU A 146 0.17 -6.10 -24.77
C LEU A 146 1.11 -6.31 -25.95
N GLN A 147 2.15 -5.48 -26.10
CA GLN A 147 3.02 -5.58 -27.26
C GLN A 147 3.72 -6.93 -27.29
N GLU A 148 4.10 -7.44 -26.12
CA GLU A 148 4.62 -8.80 -26.02
C GLU A 148 3.45 -9.76 -25.88
N GLY A 149 3.56 -10.91 -26.54
CA GLY A 149 2.55 -11.94 -26.46
C GLY A 149 2.56 -12.65 -25.11
N LYS A 150 2.40 -11.89 -24.03
CA LYS A 150 2.41 -12.42 -22.68
C LYS A 150 1.07 -12.32 -21.96
N VAL A 151 0.15 -11.49 -22.44
CA VAL A 151 -1.10 -11.26 -21.73
C VAL A 151 -2.27 -11.70 -22.61
N ASP A 152 -3.04 -12.67 -22.13
CA ASP A 152 -4.24 -13.14 -22.81
C ASP A 152 -5.33 -12.06 -22.75
N SER A 153 -5.87 -11.68 -23.91
CA SER A 153 -6.87 -10.60 -23.92
C SER A 153 -8.20 -11.01 -23.30
N SER A 154 -8.53 -12.29 -23.29
CA SER A 154 -9.77 -12.73 -22.63
C SER A 154 -9.73 -12.64 -21.10
N LEU A 155 -8.60 -12.24 -20.50
CA LEU A 155 -8.51 -12.12 -19.06
C LEU A 155 -8.80 -10.70 -18.56
N PHE A 156 -9.10 -9.77 -19.48
CA PHE A 156 -9.50 -8.42 -19.12
C PHE A 156 -11.00 -8.36 -18.82
N HIS A 157 -11.37 -7.62 -17.78
CA HIS A 157 -12.79 -7.36 -17.56
C HIS A 157 -12.99 -5.89 -17.22
N VAL A 158 -14.18 -5.37 -17.48
CA VAL A 158 -14.55 -4.06 -16.96
C VAL A 158 -15.37 -4.30 -15.70
N ALA A 159 -14.86 -3.81 -14.57
CA ALA A 159 -15.61 -3.86 -13.33
C ALA A 159 -16.56 -2.67 -13.28
N HIS A 160 -17.74 -2.90 -12.71
CA HIS A 160 -18.78 -1.90 -12.61
C HIS A 160 -19.39 -2.08 -11.23
N PHE A 161 -19.18 -1.09 -10.35
CA PHE A 161 -19.58 -1.23 -8.94
C PHE A 161 -20.91 -0.55 -8.75
N GLN A 162 -21.97 -1.33 -8.84
CA GLN A 162 -23.31 -0.83 -8.59
C GLN A 162 -23.72 -1.21 -7.15
N ASP A 163 -24.68 -0.44 -6.62
CA ASP A 163 -25.48 -0.77 -5.47
C ASP A 163 -25.48 -2.20 -4.99
N HIS A 164 -25.72 -3.21 -5.81
CA HIS A 164 -25.74 -4.55 -5.26
C HIS A 164 -24.44 -5.34 -5.41
N GLY A 165 -23.35 -4.69 -5.76
CA GLY A 165 -22.07 -5.34 -5.80
C GLY A 165 -21.43 -5.27 -7.17
N MET A 166 -20.26 -5.87 -7.27
CA MET A 166 -19.45 -5.72 -8.47
C MET A 166 -20.04 -6.51 -9.64
N VAL A 167 -20.22 -5.83 -10.77
CA VAL A 167 -20.50 -6.48 -12.04
C VAL A 167 -19.20 -6.57 -12.84
N LEU A 168 -19.01 -7.69 -13.56
CA LEU A 168 -17.81 -7.93 -14.34
C LEU A 168 -18.19 -8.18 -15.79
N GLU A 169 -17.77 -7.25 -16.61
CA GLU A 169 -18.22 -7.01 -17.98
C GLU A 169 -17.07 -7.45 -18.90
N THR A 170 -17.36 -8.38 -19.85
CA THR A 170 -16.35 -8.73 -20.88
C THR A 170 -16.28 -7.59 -21.89
N PRO A 171 -15.10 -7.01 -22.13
CA PRO A 171 -15.03 -5.86 -23.04
C PRO A 171 -15.44 -6.27 -24.45
N ALA A 172 -16.00 -5.31 -25.20
CA ALA A 172 -16.25 -5.58 -26.62
C ALA A 172 -14.96 -5.93 -27.32
N ARG A 173 -13.88 -5.17 -27.04
CA ARG A 173 -12.57 -5.53 -27.54
C ARG A 173 -11.53 -4.91 -26.62
N VAL A 174 -10.32 -5.45 -26.69
CA VAL A 174 -9.20 -4.95 -25.90
C VAL A 174 -8.16 -4.44 -26.86
N GLU A 175 -7.76 -3.21 -26.68
CA GLU A 175 -6.76 -2.54 -27.49
C GLU A 175 -5.47 -2.39 -26.68
N PRO A 176 -4.38 -1.93 -27.32
CA PRO A 176 -3.11 -1.81 -26.58
C PRO A 176 -3.20 -1.03 -25.28
N HIS A 177 -4.02 0.03 -25.22
CA HIS A 177 -4.03 0.92 -24.07
C HIS A 177 -5.42 1.21 -23.53
N PHE A 178 -6.45 0.53 -24.02
CA PHE A 178 -7.77 0.71 -23.48
C PHE A 178 -8.63 -0.51 -23.78
N ALA A 179 -9.73 -0.63 -23.05
CA ALA A 179 -10.74 -1.63 -23.27
C ALA A 179 -12.03 -0.92 -23.62
N VAL A 180 -12.79 -1.49 -24.54
CA VAL A 180 -13.99 -0.86 -25.08
C VAL A 180 -15.21 -1.51 -24.45
N LEU A 181 -16.11 -0.70 -23.92
CA LEU A 181 -17.40 -1.15 -23.40
C LEU A 181 -18.48 -0.52 -24.28
N GLU A 182 -19.23 -1.35 -25.01
CA GLU A 182 -20.30 -0.87 -25.88
C GLU A 182 -21.59 -0.62 -25.11
N ASN A 183 -22.33 0.41 -25.53
CA ASN A 183 -23.61 0.75 -24.94
C ASN A 183 -23.61 0.73 -23.41
N PRO A 184 -22.70 1.48 -22.78
CA PRO A 184 -22.63 1.43 -21.31
C PRO A 184 -23.86 2.09 -20.69
N SER A 185 -24.37 1.43 -19.64
CA SER A 185 -25.36 2.02 -18.74
C SER A 185 -24.59 2.47 -17.49
N PHE A 186 -24.30 3.76 -17.42
CA PHE A 186 -23.46 4.23 -16.35
C PHE A 186 -24.22 4.22 -15.02
N SER B 1 -1.03 11.37 23.51
CA SER B 1 -1.41 11.69 22.14
C SER B 1 -0.91 10.50 21.27
N PRO B 2 -1.09 10.51 19.94
CA PRO B 2 -0.64 9.36 19.14
C PRO B 2 0.89 9.29 19.10
N MET B 3 1.41 8.08 19.31
CA MET B 3 2.86 7.88 19.37
C MET B 3 3.21 6.47 18.92
N GLY B 4 4.36 6.35 18.25
CA GLY B 4 4.86 5.10 17.71
C GLY B 4 6.32 5.27 17.33
N VAL B 5 6.93 4.17 16.92
CA VAL B 5 8.36 4.10 16.67
C VAL B 5 8.65 4.30 15.18
N LEU B 6 9.55 5.24 14.88
CA LEU B 6 10.03 5.50 13.53
C LEU B 6 11.52 5.17 13.47
N LEU B 7 12.01 4.89 12.28
CA LEU B 7 13.43 4.57 12.09
C LEU B 7 13.98 5.46 10.99
N ARG B 8 15.07 6.16 11.30
CA ARG B 8 15.71 7.01 10.29
C ARG B 8 16.41 6.14 9.25
N MET B 9 16.10 6.38 7.99
CA MET B 9 16.66 5.62 6.88
C MET B 9 17.99 6.20 6.46
N ILE B 10 18.88 5.34 5.96
CA ILE B 10 20.15 5.82 5.40
C ILE B 10 20.11 5.68 3.88
N PRO B 11 20.81 6.55 3.14
CA PRO B 11 20.62 6.58 1.68
C PRO B 11 20.99 5.28 0.98
N ALA B 12 22.04 4.60 1.43
CA ALA B 12 22.46 3.36 0.78
C ALA B 12 21.42 2.26 0.91
N VAL B 13 20.68 2.22 2.02
CA VAL B 13 19.84 1.08 2.37
C VAL B 13 18.37 1.36 2.09
N GLY B 14 17.88 2.58 2.37
CA GLY B 14 16.48 2.86 2.10
C GLY B 14 15.54 2.05 2.99
N HIS B 15 14.36 1.73 2.44
CA HIS B 15 13.32 1.01 3.17
C HIS B 15 13.59 -0.47 3.32
N PHE B 16 14.60 -1.00 2.65
CA PHE B 16 14.75 -2.45 2.50
C PHE B 16 15.70 -2.95 3.59
N ILE B 17 15.18 -2.98 4.82
CA ILE B 17 15.88 -3.38 6.05
C ILE B 17 15.31 -4.67 6.64
N PRO B 18 16.02 -5.35 7.60
CA PRO B 18 15.49 -6.59 8.20
C PRO B 18 14.50 -6.40 9.34
N ILE B 19 13.35 -7.10 9.27
CA ILE B 19 12.27 -6.96 10.25
C ILE B 19 11.84 -8.33 10.78
N THR B 20 11.17 -8.33 11.93
CA THR B 20 10.56 -9.55 12.45
C THR B 20 9.19 -9.71 11.78
N SER B 21 9.10 -10.64 10.84
CA SER B 21 7.85 -10.88 10.12
C SER B 21 6.99 -11.90 10.87
N ILE B 22 5.72 -11.99 10.48
CA ILE B 22 4.83 -13.01 11.03
C ILE B 22 4.06 -13.59 9.86
N THR B 23 3.84 -14.88 9.90
CA THR B 23 2.93 -15.51 8.94
C THR B 23 1.56 -15.62 9.58
N LEU B 24 0.54 -15.30 8.82
CA LEU B 24 -0.81 -15.43 9.32
C LEU B 24 -1.54 -16.40 8.41
N ILE B 25 -2.14 -17.43 9.00
CA ILE B 25 -2.85 -18.46 8.22
C ILE B 25 -4.32 -18.41 8.58
N TYR B 26 -5.18 -18.34 7.55
CA TYR B 26 -6.62 -18.42 7.69
C TYR B 26 -7.16 -19.54 6.81
N TYR B 27 -8.29 -20.13 7.18
CA TYR B 27 -8.83 -21.24 6.40
C TYR B 27 -10.36 -21.17 6.33
N ARG B 28 -10.89 -21.81 5.29
CA ARG B 28 -12.31 -22.11 5.19
C ARG B 28 -12.45 -23.47 4.56
N LEU B 29 -13.16 -24.37 5.25
CA LEU B 29 -13.43 -25.73 4.82
C LEU B 29 -14.79 -25.76 4.13
N TYR B 30 -14.91 -26.46 2.99
CA TYR B 30 -16.24 -26.51 2.39
C TYR B 30 -16.38 -27.98 2.01
N LEU B 31 -17.00 -28.81 2.83
CA LEU B 31 -16.80 -30.26 2.63
C LEU B 31 -15.32 -30.65 2.75
N GLU B 32 -14.90 -31.71 2.06
CA GLU B 32 -13.52 -32.20 1.89
C GLU B 32 -12.45 -31.16 1.58
N ASP B 33 -12.80 -30.20 0.72
CA ASP B 33 -11.84 -29.27 0.15
C ASP B 33 -11.74 -28.03 1.01
N ILE B 34 -10.60 -27.34 0.89
CA ILE B 34 -10.31 -26.25 1.81
C ILE B 34 -9.51 -25.15 1.11
N THR B 35 -9.76 -23.90 1.49
CA THR B 35 -8.97 -22.76 1.06
C THR B 35 -8.17 -22.23 2.25
N PHE B 36 -6.88 -21.98 2.03
CA PHE B 36 -6.05 -21.27 3.00
C PHE B 36 -5.64 -19.92 2.43
N HIS B 37 -5.59 -18.91 3.28
CA HIS B 37 -4.99 -17.62 2.97
C HIS B 37 -3.72 -17.48 3.79
N LEU B 38 -2.59 -17.29 3.13
CA LEU B 38 -1.31 -17.11 3.81
C LEU B 38 -0.84 -15.67 3.64
N TYR B 39 -0.60 -14.99 4.75
CA TYR B 39 -0.08 -13.63 4.77
C TYR B 39 1.33 -13.65 5.33
N LEU B 40 2.18 -12.75 4.81
CA LEU B 40 3.52 -12.54 5.36
C LEU B 40 3.70 -11.04 5.60
N VAL B 41 3.62 -10.61 6.85
CA VAL B 41 3.53 -9.17 7.12
C VAL B 41 4.48 -8.83 8.29
N PRO B 42 4.76 -7.54 8.46
CA PRO B 42 5.52 -7.12 9.65
C PRO B 42 4.77 -7.44 10.93
N ASN B 43 5.50 -7.67 12.02
CA ASN B 43 4.84 -7.96 13.29
C ASN B 43 4.26 -6.68 13.87
N ASP B 44 2.98 -6.43 13.61
CA ASP B 44 2.31 -5.18 13.95
C ASP B 44 0.87 -5.52 14.32
N CYS B 45 0.48 -5.24 15.58
CA CYS B 45 -0.85 -5.67 16.01
C CYS B 45 -1.96 -4.99 15.24
N THR B 46 -1.71 -3.79 14.71
CA THR B 46 -2.79 -3.12 13.98
C THR B 46 -2.97 -3.74 12.59
N ILE B 47 -1.89 -4.18 11.95
CA ILE B 47 -2.05 -4.92 10.70
C ILE B 47 -2.72 -6.27 10.97
N ARG B 48 -2.28 -6.98 12.01
CA ARG B 48 -2.89 -8.26 12.31
C ARG B 48 -4.38 -8.09 12.60
N LYS B 49 -4.72 -7.01 13.29
CA LYS B 49 -6.11 -6.76 13.63
C LYS B 49 -6.95 -6.49 12.38
N ALA B 50 -6.43 -5.68 11.45
CA ALA B 50 -7.14 -5.38 10.20
C ALA B 50 -7.39 -6.64 9.37
N ILE B 51 -6.39 -7.51 9.27
CA ILE B 51 -6.54 -8.75 8.49
C ILE B 51 -7.58 -9.66 9.13
N ASP B 52 -7.49 -9.83 10.43
CA ASP B 52 -8.43 -10.67 11.16
C ASP B 52 -9.87 -10.17 10.95
N GLU B 53 -10.07 -8.84 10.97
CA GLU B 53 -11.42 -8.29 10.76
C GLU B 53 -11.94 -8.58 9.36
N GLU B 54 -11.10 -8.42 8.33
CA GLU B 54 -11.53 -8.68 6.96
C GLU B 54 -11.80 -10.16 6.72
N GLU B 55 -10.94 -11.04 7.25
CA GLU B 55 -11.10 -12.48 7.04
C GLU B 55 -12.38 -12.99 7.68
N LEU B 56 -12.73 -12.48 8.86
CA LEU B 56 -13.94 -12.99 9.50
C LEU B 56 -15.22 -12.56 8.78
N LYS B 57 -15.18 -11.53 7.92
CA LYS B 57 -16.35 -11.22 7.10
C LYS B 57 -16.74 -12.38 6.19
N PHE B 58 -15.77 -13.21 5.79
CA PHE B 58 -16.05 -14.28 4.85
C PHE B 58 -15.87 -15.65 5.48
N GLN B 59 -16.01 -15.71 6.81
CA GLN B 59 -16.01 -16.95 7.58
C GLN B 59 -14.70 -17.71 7.42
N PHE B 60 -13.60 -16.98 7.25
CA PHE B 60 -12.26 -17.55 7.35
C PHE B 60 -11.78 -17.49 8.81
N VAL B 61 -11.09 -18.55 9.25
CA VAL B 61 -10.72 -18.72 10.65
C VAL B 61 -9.20 -18.84 10.74
N ARG B 62 -8.60 -18.15 11.71
CA ARG B 62 -7.14 -18.13 11.83
C ARG B 62 -6.65 -19.44 12.43
N ILE B 63 -5.52 -19.93 11.90
CA ILE B 63 -4.78 -21.07 12.44
C ILE B 63 -3.44 -20.56 12.95
N ASN B 64 -3.17 -20.73 14.25
CA ASN B 64 -1.91 -20.25 14.83
C ASN B 64 -0.76 -21.21 14.54
N LYS B 65 0.24 -20.74 13.82
CA LYS B 65 1.49 -21.47 13.61
C LYS B 65 2.67 -20.57 13.94
N PRO B 66 3.79 -21.14 14.36
CA PRO B 66 4.95 -20.30 14.69
C PRO B 66 5.41 -19.48 13.51
N PRO B 67 5.90 -18.25 13.76
CA PRO B 67 6.36 -17.37 12.67
C PRO B 67 7.74 -17.78 12.16
N PRO B 68 8.23 -17.15 11.08
CA PRO B 68 9.59 -17.46 10.63
C PRO B 68 10.63 -17.18 11.72
N VAL B 69 11.68 -18.00 11.73
CA VAL B 69 12.66 -17.92 12.82
C VAL B 69 13.60 -16.76 12.60
N ASP B 70 14.03 -16.55 11.37
CA ASP B 70 15.02 -15.53 11.05
C ASP B 70 14.33 -14.24 10.63
N ALA B 71 15.01 -13.14 10.90
CA ALA B 71 14.57 -11.85 10.38
C ALA B 71 14.61 -11.85 8.86
N LEU B 72 13.56 -11.32 8.26
CA LEU B 72 13.44 -11.18 6.81
C LEU B 72 13.56 -9.71 6.42
N TYR B 73 13.97 -9.46 5.19
CA TYR B 73 14.25 -8.12 4.70
C TYR B 73 13.05 -7.56 3.93
N VAL B 74 12.64 -6.33 4.27
CA VAL B 74 11.59 -5.66 3.50
C VAL B 74 11.97 -5.62 2.04
N GLY B 75 10.99 -5.81 1.17
CA GLY B 75 11.20 -5.92 -0.26
C GLY B 75 11.64 -7.28 -0.75
N SER B 76 12.10 -8.17 0.13
CA SER B 76 12.51 -9.48 -0.36
C SER B 76 11.28 -10.31 -0.72
N ARG B 77 11.50 -11.35 -1.51
CA ARG B 77 10.39 -12.12 -2.08
C ARG B 77 10.53 -13.59 -1.75
N TYR B 78 9.38 -14.22 -1.62
CA TYR B 78 9.24 -15.56 -1.06
C TYR B 78 8.29 -16.35 -1.95
N ILE B 79 8.68 -17.56 -2.27
CA ILE B 79 7.86 -18.47 -3.06
C ILE B 79 7.02 -19.30 -2.10
N VAL B 80 5.72 -19.32 -2.31
CA VAL B 80 4.82 -20.20 -1.57
C VAL B 80 4.75 -21.52 -2.33
N SER B 81 4.95 -22.64 -1.64
CA SER B 81 4.80 -23.92 -2.31
C SER B 81 4.18 -24.94 -1.36
N SER B 82 3.78 -26.07 -1.94
CA SER B 82 3.22 -27.20 -1.22
C SER B 82 3.36 -28.44 -2.10
N SER B 83 2.49 -29.42 -1.89
CA SER B 83 2.47 -30.66 -2.67
C SER B 83 1.83 -30.43 -4.04
N LYS B 84 1.95 -31.45 -4.91
CA LYS B 84 1.64 -31.28 -6.33
C LYS B 84 0.19 -30.85 -6.57
N GLU B 85 -0.75 -31.26 -5.72
CA GLU B 85 -2.17 -31.12 -6.03
C GLU B 85 -2.81 -29.85 -5.48
N VAL B 86 -2.04 -28.83 -5.10
CA VAL B 86 -2.61 -27.64 -4.48
C VAL B 86 -2.46 -26.47 -5.45
N GLU B 87 -3.54 -25.72 -5.69
CA GLU B 87 -3.50 -24.53 -6.52
C GLU B 87 -3.11 -23.32 -5.68
N ILE B 88 -2.10 -22.56 -6.12
CA ILE B 88 -1.59 -21.44 -5.34
C ILE B 88 -1.62 -20.16 -6.18
N LEU B 89 -2.29 -19.11 -5.68
CA LEU B 89 -2.47 -17.85 -6.41
C LEU B 89 -2.33 -16.64 -5.49
N PRO B 90 -1.27 -15.82 -5.61
CA PRO B 90 -0.05 -15.99 -6.41
C PRO B 90 1.00 -16.86 -5.71
N LYS B 91 2.01 -17.33 -6.46
CA LYS B 91 3.11 -18.11 -5.90
C LYS B 91 4.12 -17.25 -5.17
N GLU B 92 4.24 -15.96 -5.52
CA GLU B 92 5.22 -15.05 -4.94
C GLU B 92 4.55 -14.09 -3.96
N LEU B 93 5.15 -13.96 -2.79
CA LEU B 93 4.77 -12.94 -1.82
C LEU B 93 5.98 -12.04 -1.62
N GLU B 94 5.73 -10.74 -1.48
CA GLU B 94 6.78 -9.78 -1.22
C GLU B 94 6.56 -9.19 0.16
N LEU B 95 7.58 -9.21 1.01
CA LEU B 95 7.43 -8.70 2.36
C LEU B 95 7.50 -7.18 2.31
N CYS B 96 6.45 -6.52 2.80
CA CYS B 96 6.49 -5.06 2.83
C CYS B 96 5.50 -4.58 3.88
N TYR B 97 5.67 -3.33 4.28
CA TYR B 97 4.72 -2.66 5.16
C TYR B 97 3.62 -2.05 4.31
N ARG B 98 2.38 -2.39 4.59
CA ARG B 98 1.26 -1.62 4.05
C ARG B 98 0.38 -1.24 5.22
N SER B 99 -0.02 0.02 5.26
CA SER B 99 -0.85 0.61 6.31
C SER B 99 -2.02 -0.28 6.67
N PRO B 100 -2.41 -0.34 7.94
CA PRO B 100 -3.57 -1.17 8.31
C PRO B 100 -4.84 -0.81 7.56
N ARG B 101 -4.92 0.38 6.95
CA ARG B 101 -6.10 0.71 6.15
C ARG B 101 -6.02 0.15 4.74
N GLU B 102 -4.83 -0.16 4.24
CA GLU B 102 -4.66 -0.75 2.90
C GLU B 102 -5.02 -2.24 2.92
N SER B 103 -5.45 -2.76 1.77
CA SER B 103 -5.66 -4.20 1.68
C SER B 103 -4.30 -4.91 1.77
N GLN B 104 -4.26 -6.05 2.45
CA GLN B 104 -3.01 -6.75 2.65
C GLN B 104 -2.96 -7.92 1.70
N LEU B 105 -1.79 -8.16 1.12
CA LEU B 105 -1.72 -9.22 0.12
C LEU B 105 -1.45 -10.57 0.80
N PHE B 106 -2.07 -11.59 0.23
CA PHE B 106 -1.96 -12.96 0.72
C PHE B 106 -1.89 -13.87 -0.48
N SER B 107 -1.46 -15.11 -0.22
CA SER B 107 -1.48 -16.15 -1.22
C SER B 107 -2.67 -17.09 -0.93
N GLU B 108 -3.44 -17.40 -1.96
CA GLU B 108 -4.62 -18.26 -1.84
C GLU B 108 -4.25 -19.68 -2.23
N ILE B 109 -4.46 -20.61 -1.30
CA ILE B 109 -4.08 -22.00 -1.52
C ILE B 109 -5.35 -22.82 -1.45
N TYR B 110 -5.65 -23.52 -2.54
CA TYR B 110 -6.85 -24.35 -2.61
C TYR B 110 -6.43 -25.79 -2.80
N VAL B 111 -6.96 -26.69 -1.96
CA VAL B 111 -6.66 -28.10 -2.09
C VAL B 111 -7.96 -28.89 -2.09
N GLY B 112 -8.10 -29.80 -3.06
CA GLY B 112 -9.34 -30.55 -3.20
C GLY B 112 -9.57 -31.52 -2.06
N ASN B 113 -8.51 -32.08 -1.50
CA ASN B 113 -8.64 -32.95 -0.35
C ASN B 113 -7.47 -32.73 0.59
N ILE B 114 -7.77 -32.53 1.88
CA ILE B 114 -6.71 -32.29 2.85
C ILE B 114 -5.98 -33.57 3.21
N GLY B 115 -6.67 -34.71 3.28
CA GLY B 115 -6.00 -35.96 3.60
C GLY B 115 -5.40 -35.93 4.98
N SER B 116 -4.13 -36.38 5.07
CA SER B 116 -3.39 -36.38 6.32
C SER B 116 -2.93 -34.97 6.73
N GLY B 117 -2.88 -34.05 5.78
CA GLY B 117 -2.43 -32.68 6.05
C GLY B 117 -1.68 -32.14 4.85
N ILE B 118 -1.58 -30.81 4.81
CA ILE B 118 -0.84 -30.10 3.77
C ILE B 118 0.39 -29.45 4.39
N ASN B 119 1.55 -29.69 3.78
CA ASN B 119 2.80 -29.01 4.15
C ASN B 119 2.93 -27.75 3.30
N LEU B 120 2.84 -26.58 3.94
CA LEU B 120 3.02 -25.29 3.28
C LEU B 120 4.43 -24.77 3.55
N GLN B 121 5.07 -24.21 2.50
CA GLN B 121 6.45 -23.74 2.60
C GLN B 121 6.62 -22.34 2.04
N LEU B 122 7.52 -21.58 2.65
CA LEU B 122 7.98 -20.30 2.13
C LEU B 122 9.47 -20.42 1.85
N THR B 123 9.87 -20.09 0.63
CA THR B 123 11.26 -20.20 0.21
C THR B 123 11.76 -18.85 -0.28
N ASP B 124 12.94 -18.45 0.20
CA ASP B 124 13.59 -17.24 -0.29
C ASP B 124 13.82 -17.38 -1.78
N LYS B 125 13.32 -16.41 -2.55
CA LYS B 125 13.35 -16.56 -4.00
C LYS B 125 14.76 -16.36 -4.52
N LYS B 126 15.58 -15.61 -3.80
CA LYS B 126 16.92 -15.39 -4.31
C LYS B 126 17.77 -16.65 -4.20
N TYR B 127 17.81 -17.33 -3.04
CA TYR B 127 18.75 -18.45 -3.11
C TYR B 127 18.08 -19.79 -2.91
N MET B 128 16.73 -19.85 -2.90
CA MET B 128 15.95 -21.09 -2.81
C MET B 128 16.06 -21.86 -1.51
N ASN B 129 16.57 -21.26 -0.43
CA ASN B 129 16.55 -21.92 0.86
C ASN B 129 15.20 -21.77 1.54
N LEU B 130 14.74 -22.86 2.14
CA LEU B 130 13.49 -22.83 2.89
C LEU B 130 13.66 -21.97 4.14
N ILE B 131 12.73 -21.06 4.38
CA ILE B 131 12.79 -20.21 5.57
C ILE B 131 11.63 -20.41 6.51
N TRP B 132 10.54 -21.04 6.08
CA TRP B 132 9.38 -21.24 6.96
C TRP B 132 8.57 -22.39 6.39
N GLU B 133 7.88 -23.07 7.30
CA GLU B 133 7.29 -24.36 7.01
C GLU B 133 6.12 -24.52 7.98
N ALA B 134 4.99 -25.08 7.54
CA ALA B 134 3.94 -25.48 8.48
C ALA B 134 3.26 -26.72 7.93
N LEU B 135 2.81 -27.57 8.85
CA LEU B 135 2.00 -28.74 8.51
C LEU B 135 0.59 -28.43 8.99
N LEU B 136 -0.33 -28.26 8.03
CA LEU B 136 -1.71 -27.92 8.33
C LEU B 136 -2.52 -29.22 8.28
N LYS B 137 -3.00 -29.66 9.43
CA LYS B 137 -3.63 -30.97 9.46
C LYS B 137 -5.07 -30.83 9.94
N PRO B 138 -5.91 -31.86 9.79
CA PRO B 138 -7.31 -31.73 10.21
C PRO B 138 -7.46 -31.31 11.66
N GLY B 139 -6.59 -31.80 12.55
CA GLY B 139 -6.65 -31.42 13.95
C GLY B 139 -6.52 -29.93 14.17
N ASP B 140 -5.82 -29.22 13.25
CA ASP B 140 -5.65 -27.78 13.38
C ASP B 140 -6.91 -26.98 13.06
N LEU B 141 -7.87 -27.58 12.35
CA LEU B 141 -9.08 -26.88 11.94
C LEU B 141 -10.06 -26.83 13.11
N ARG B 142 -10.10 -25.72 13.82
CA ARG B 142 -10.95 -25.55 14.98
C ARG B 142 -12.10 -24.62 14.68
N PRO B 143 -13.28 -24.85 15.30
CA PRO B 143 -14.46 -24.02 15.02
C PRO B 143 -14.22 -22.52 15.10
N ALA B 144 -15.22 -21.75 14.66
CA ALA B 144 -14.99 -20.39 14.14
C ALA B 144 -14.55 -19.40 15.24
N LEU B 145 -15.11 -19.49 16.46
CA LEU B 145 -14.78 -18.50 17.49
C LEU B 145 -13.70 -19.03 18.43
N PRO B 146 -12.52 -18.36 18.51
CA PRO B 146 -11.43 -18.70 19.43
C PRO B 146 -11.36 -17.84 20.70
N MET C 44 -15.06 -22.07 32.88
CA MET C 44 -15.60 -21.37 31.70
C MET C 44 -14.57 -20.60 30.91
N GLU C 45 -14.03 -19.51 31.53
CA GLU C 45 -13.43 -18.67 30.46
C GLU C 45 -11.97 -18.97 31.00
N PRO C 46 -10.86 -18.85 30.28
CA PRO C 46 -9.58 -18.64 31.02
C PRO C 46 -9.45 -17.34 31.85
N LEU C 47 -8.50 -17.35 32.78
CA LEU C 47 -8.32 -16.28 33.74
C LEU C 47 -7.63 -15.04 33.10
N GLY C 48 -6.72 -15.24 32.14
CA GLY C 48 -6.15 -14.16 31.35
C GLY C 48 -5.88 -14.65 29.95
N THR C 49 -5.83 -13.70 28.99
CA THR C 49 -5.60 -14.00 27.59
C THR C 49 -4.43 -13.16 27.07
N ASP C 50 -4.13 -13.31 25.77
CA ASP C 50 -3.10 -12.48 25.13
C ASP C 50 -3.50 -10.99 25.13
N ASP C 51 -4.79 -10.69 25.14
CA ASP C 51 -5.26 -9.31 25.06
C ASP C 51 -5.29 -8.59 26.40
N ASP C 52 -4.97 -9.26 27.49
CA ASP C 52 -4.96 -8.67 28.82
C ASP C 52 -3.58 -8.09 29.13
N PHE C 53 -3.54 -7.15 30.07
CA PHE C 53 -2.27 -6.67 30.59
C PHE C 53 -1.86 -7.53 31.77
N TRP C 54 -0.65 -8.06 31.72
CA TRP C 54 -0.14 -8.98 32.74
C TRP C 54 0.80 -8.23 33.67
N GLY C 55 0.41 -8.11 34.94
CA GLY C 55 1.16 -7.33 35.89
C GLY C 55 1.53 -8.10 37.14
N PRO C 56 1.95 -7.39 38.17
CA PRO C 56 2.38 -8.06 39.42
C PRO C 56 1.27 -8.83 40.10
N SER C 57 0.02 -8.37 39.98
CA SER C 57 -1.13 -9.07 40.51
C SER C 57 -1.80 -9.99 39.49
N GLY C 58 -1.02 -10.56 38.57
CA GLY C 58 -1.57 -11.40 37.54
C GLY C 58 -2.20 -10.58 36.43
N PRO C 59 -3.10 -11.22 35.66
CA PRO C 59 -3.65 -10.54 34.48
C PRO C 59 -4.71 -9.52 34.86
N VAL C 60 -4.71 -8.41 34.13
CA VAL C 60 -5.72 -7.36 34.25
C VAL C 60 -6.45 -7.31 32.92
N SER C 61 -7.78 -7.33 32.95
CA SER C 61 -8.52 -7.51 31.71
C SER C 61 -8.70 -6.19 31.00
N THR C 62 -8.54 -6.19 29.68
CA THR C 62 -8.73 -5.00 28.87
C THR C 62 -10.20 -4.91 28.51
N GLU C 63 -10.80 -3.75 28.75
CA GLU C 63 -12.14 -3.50 28.26
C GLU C 63 -12.09 -3.04 26.80
N VAL C 64 -13.06 -3.50 26.02
CA VAL C 64 -13.25 -2.97 24.68
C VAL C 64 -14.22 -1.80 24.77
N VAL C 65 -13.76 -0.62 24.33
CA VAL C 65 -14.61 0.58 24.34
C VAL C 65 -15.48 0.63 23.07
N ASP C 66 -14.93 0.27 21.90
CA ASP C 66 -15.59 0.36 20.61
C ASP C 66 -14.85 -0.60 19.70
N ARG C 67 -15.44 -1.73 19.26
CA ARG C 67 -14.46 -2.64 18.68
C ARG C 67 -14.31 -2.31 17.21
N GLU C 68 -15.28 -1.51 16.67
CA GLU C 68 -15.22 -1.03 15.30
C GLU C 68 -14.10 -0.02 15.12
N ARG C 69 -13.96 0.97 16.02
CA ARG C 69 -12.90 1.97 15.94
C ARG C 69 -11.62 1.55 16.67
N ASN C 70 -11.60 0.34 17.22
CA ASN C 70 -10.45 -0.22 17.94
C ASN C 70 -10.00 0.68 19.10
N LEU C 71 -10.91 0.91 20.04
CA LEU C 71 -10.57 1.66 21.24
C LEU C 71 -10.74 0.76 22.45
N TYR C 72 -9.80 0.85 23.38
CA TYR C 72 -9.76 -0.04 24.53
C TYR C 72 -9.40 0.79 25.74
N ARG C 73 -9.68 0.27 26.94
CA ARG C 73 -9.19 0.93 28.13
C ARG C 73 -8.84 -0.14 29.15
N VAL C 74 -7.91 0.18 30.03
CA VAL C 74 -7.51 -0.74 31.07
C VAL C 74 -7.24 0.05 32.35
N ARG C 75 -7.62 -0.53 33.49
CA ARG C 75 -7.35 0.01 34.81
C ARG C 75 -6.26 -0.82 35.45
N LEU C 76 -5.06 -0.29 35.51
CA LEU C 76 -4.01 -1.03 36.21
C LEU C 76 -4.20 -0.86 37.72
N PRO C 77 -4.30 -1.96 38.48
CA PRO C 77 -4.72 -1.84 39.89
C PRO C 77 -3.68 -1.23 40.83
N MET C 78 -2.39 -1.26 40.52
CA MET C 78 -1.38 -0.83 41.48
C MET C 78 -0.06 -0.60 40.76
N ALA C 79 0.89 0.01 41.47
CA ALA C 79 2.24 0.17 40.96
C ALA C 79 2.81 -1.17 40.50
N GLY C 80 3.59 -1.12 39.42
CA GLY C 80 4.20 -2.30 38.83
C GLY C 80 4.35 -2.13 37.34
N SER C 81 5.06 -3.08 36.72
CA SER C 81 5.25 -3.14 35.27
C SER C 81 4.25 -4.11 34.64
N TYR C 82 3.55 -3.66 33.61
CA TYR C 82 2.49 -4.42 32.97
C TYR C 82 2.79 -4.56 31.47
N HIS C 83 2.38 -5.68 30.89
CA HIS C 83 2.64 -5.87 29.47
C HIS C 83 1.46 -6.59 28.81
N CYS C 84 1.20 -6.22 27.57
CA CYS C 84 0.10 -6.82 26.82
C CYS C 84 0.65 -7.60 25.63
N PRO C 85 0.64 -8.94 25.68
CA PRO C 85 1.23 -9.72 24.57
C PRO C 85 0.65 -9.41 23.20
N SER C 86 -0.65 -9.16 23.13
CA SER C 86 -1.30 -8.96 21.84
C SER C 86 -0.79 -7.71 21.14
N THR C 87 -0.58 -6.63 21.89
CA THR C 87 -0.16 -5.35 21.31
C THR C 87 1.33 -5.12 21.38
N GLY C 88 2.01 -5.67 22.38
CA GLY C 88 3.40 -5.38 22.58
C GLY C 88 3.65 -4.19 23.49
N LEU C 89 2.60 -3.54 23.98
CA LEU C 89 2.77 -2.41 24.88
C LEU C 89 3.18 -2.88 26.27
N HIS C 90 4.06 -2.10 26.92
CA HIS C 90 4.39 -2.22 28.33
C HIS C 90 4.17 -0.87 28.99
N PHE C 91 3.65 -0.88 30.21
CA PHE C 91 3.53 0.33 31.03
C PHE C 91 4.16 0.08 32.39
N VAL C 92 4.96 1.04 32.85
CA VAL C 92 5.45 1.06 34.23
C VAL C 92 4.74 2.22 34.93
N VAL C 93 3.98 1.90 35.99
CA VAL C 93 3.20 2.90 36.71
C VAL C 93 3.58 2.88 38.19
N THR C 94 3.34 4.01 38.86
CA THR C 94 3.63 4.18 40.28
C THR C 94 2.39 4.14 41.15
N ARG C 95 1.23 3.89 40.57
CA ARG C 95 -0.03 3.88 41.29
C ARG C 95 -1.09 3.43 40.31
N ALA C 96 -2.25 3.06 40.85
CA ALA C 96 -3.37 2.69 40.00
C ALA C 96 -3.66 3.83 39.04
N VAL C 97 -3.97 3.47 37.79
CA VAL C 97 -4.24 4.44 36.74
C VAL C 97 -5.04 3.76 35.64
N THR C 98 -5.95 4.53 35.04
CA THR C 98 -6.67 4.06 33.86
C THR C 98 -5.94 4.56 32.62
N ILE C 99 -5.76 3.66 31.64
CA ILE C 99 -5.08 4.00 30.40
C ILE C 99 -6.02 3.69 29.24
N GLU C 100 -6.20 4.67 28.36
CA GLU C 100 -6.99 4.51 27.15
C GLU C 100 -6.05 4.33 25.96
N ILE C 101 -6.35 3.36 25.12
CA ILE C 101 -5.46 2.96 24.03
C ILE C 101 -6.31 2.81 22.77
N GLY C 102 -5.95 3.56 21.73
CA GLY C 102 -6.59 3.40 20.42
C GLY C 102 -5.57 3.01 19.35
N PHE C 103 -5.99 2.12 18.45
CA PHE C 103 -5.18 1.77 17.28
C PHE C 103 -5.31 2.88 16.23
N CYS C 104 -4.17 3.33 15.71
CA CYS C 104 -4.12 4.39 14.71
C CYS C 104 -3.36 3.92 13.48
N ALA C 105 -3.60 4.64 12.37
CA ALA C 105 -2.81 4.50 11.16
C ALA C 105 -1.92 5.72 11.01
N TRP C 106 -0.70 5.50 10.53
CA TRP C 106 0.27 6.58 10.41
C TRP C 106 -0.11 7.57 9.31
N SER C 107 -1.07 7.23 8.46
CA SER C 107 -1.24 7.92 7.18
C SER C 107 -1.52 9.40 7.37
N GLN C 108 -2.52 9.73 8.18
CA GLN C 108 -2.98 11.10 8.31
C GLN C 108 -2.07 11.94 9.20
N PHE C 109 -0.94 11.38 9.63
CA PHE C 109 0.05 12.10 10.43
C PHE C 109 1.39 12.23 9.75
N LEU C 110 1.71 11.33 8.80
CA LEU C 110 3.09 11.19 8.37
C LEU C 110 3.34 11.88 7.02
N HIS C 111 2.41 12.76 6.61
CA HIS C 111 2.57 13.55 5.39
C HIS C 111 2.20 14.99 5.67
N GLU C 112 2.90 15.57 6.65
CA GLU C 112 2.73 16.96 7.02
C GLU C 112 4.00 17.80 6.88
N THR C 113 5.19 17.20 6.94
CA THR C 113 6.42 17.96 6.65
C THR C 113 7.38 17.13 5.79
N PRO C 114 8.13 17.79 4.90
CA PRO C 114 9.05 17.04 4.00
C PRO C 114 10.07 16.20 4.74
N LEU C 115 10.53 16.65 5.90
CA LEU C 115 11.49 15.91 6.69
C LEU C 115 10.96 14.59 7.20
N GLN C 116 9.66 14.34 7.10
CA GLN C 116 9.11 13.04 7.46
C GLN C 116 9.46 11.96 6.44
N HIS C 117 9.85 12.33 5.21
CA HIS C 117 10.13 11.34 4.17
C HIS C 117 11.34 10.44 4.49
N SER C 118 12.27 10.89 5.31
CA SER C 118 13.47 10.08 5.56
C SER C 118 13.30 9.11 6.73
N HIS C 119 12.09 9.01 7.28
CA HIS C 119 11.80 8.13 8.41
C HIS C 119 10.78 7.09 7.96
N MET C 120 11.03 5.82 8.26
CA MET C 120 10.08 4.76 7.91
C MET C 120 9.35 4.24 9.15
N VAL C 121 8.09 3.83 8.96
CA VAL C 121 7.34 3.24 10.06
C VAL C 121 8.10 2.02 10.57
N ALA C 122 8.27 1.94 11.89
CA ALA C 122 8.96 0.80 12.49
C ALA C 122 8.10 0.07 13.51
N GLY C 123 6.86 0.48 13.74
CA GLY C 123 6.00 -0.16 14.69
C GLY C 123 4.63 0.44 14.58
N PRO C 124 3.67 -0.11 15.31
CA PRO C 124 2.29 0.39 15.22
C PRO C 124 2.13 1.76 15.90
N LEU C 125 1.13 2.51 15.45
CA LEU C 125 0.81 3.82 16.03
C LEU C 125 -0.29 3.66 17.05
N PHE C 126 -0.06 4.17 18.27
CA PHE C 126 -1.02 4.09 19.38
C PHE C 126 -1.43 5.47 19.89
N ASP C 127 -2.72 5.64 20.13
CA ASP C 127 -3.24 6.84 20.78
C ASP C 127 -3.51 6.52 22.25
N ILE C 128 -2.61 6.96 23.13
CA ILE C 128 -2.62 6.58 24.55
C ILE C 128 -2.94 7.83 25.38
N LYS C 129 -3.83 7.68 26.34
CA LYS C 129 -4.16 8.77 27.25
C LYS C 129 -4.19 8.24 28.69
N ALA C 130 -3.54 8.98 29.61
CA ALA C 130 -3.53 8.56 31.01
C ALA C 130 -3.29 9.80 31.86
N GLU C 131 -3.74 9.73 33.12
CA GLU C 131 -3.53 10.79 34.09
C GLU C 131 -2.05 11.19 34.14
N HIS C 132 -1.84 12.50 34.23
CA HIS C 132 -0.52 13.08 33.98
C HIS C 132 0.60 12.38 34.73
N GLY C 133 0.41 12.07 36.01
CA GLY C 133 1.55 11.65 36.81
C GLY C 133 1.94 10.18 36.78
N ALA C 134 1.01 9.30 36.43
CA ALA C 134 1.09 7.92 36.90
C ALA C 134 2.06 7.05 36.11
N VAL C 135 2.31 7.33 34.84
CA VAL C 135 3.03 6.39 33.97
C VAL C 135 4.50 6.77 33.96
N THR C 136 5.33 5.88 34.51
CA THR C 136 6.76 6.14 34.67
C THR C 136 7.49 5.93 33.35
N ALA C 137 6.99 5.02 32.52
CA ALA C 137 7.64 4.60 31.29
C ALA C 137 6.63 3.83 30.45
N VAL C 138 6.70 4.01 29.13
CA VAL C 138 5.90 3.24 28.18
C VAL C 138 6.86 2.57 27.20
N CYS C 139 6.60 1.31 26.88
CA CYS C 139 7.37 0.56 25.91
C CYS C 139 6.53 0.43 24.64
N LEU C 140 7.04 0.98 23.55
CA LEU C 140 6.31 0.97 22.30
C LEU C 140 6.90 -0.12 21.43
N PRO C 141 6.10 -1.08 20.95
CA PRO C 141 6.65 -2.16 20.13
C PRO C 141 7.14 -1.67 18.77
N HIS C 142 8.19 -2.33 18.28
CA HIS C 142 8.68 -2.09 16.93
C HIS C 142 9.02 -3.44 16.32
N PHE C 143 9.04 -3.50 15.00
CA PHE C 143 9.25 -4.76 14.31
C PHE C 143 10.59 -4.82 13.57
N VAL C 144 11.57 -3.97 13.94
CA VAL C 144 12.89 -3.96 13.31
C VAL C 144 13.76 -5.00 14.00
N SER C 145 14.56 -5.72 13.24
CA SER C 145 15.45 -6.71 13.83
C SER C 145 16.81 -6.09 14.14
N LEU C 146 17.23 -6.17 15.39
CA LEU C 146 18.55 -5.73 15.82
C LEU C 146 19.54 -6.88 15.95
N GLN C 147 19.10 -8.13 15.73
CA GLN C 147 19.97 -9.28 15.91
C GLN C 147 21.15 -9.24 14.94
N GLU C 148 20.89 -8.79 13.71
CA GLU C 148 21.94 -8.71 12.69
C GLU C 148 23.10 -7.85 13.14
N GLY C 149 22.81 -6.76 13.87
CA GLY C 149 23.72 -5.66 14.01
C GLY C 149 23.72 -4.71 12.85
N LYS C 150 22.93 -4.98 11.81
CA LYS C 150 22.84 -4.13 10.63
C LYS C 150 21.92 -2.93 10.82
N VAL C 151 21.41 -2.71 12.03
CA VAL C 151 20.59 -1.55 12.35
C VAL C 151 21.20 -0.82 13.53
N ASP C 152 21.49 0.47 13.34
CA ASP C 152 22.08 1.34 14.36
C ASP C 152 20.98 1.77 15.32
N SER C 153 21.11 1.36 16.59
CA SER C 153 20.21 1.72 17.69
C SER C 153 19.88 3.20 17.77
N SER C 154 20.83 4.07 17.45
CA SER C 154 20.59 5.50 17.59
C SER C 154 19.60 6.04 16.56
N LEU C 155 19.26 5.28 15.51
CA LEU C 155 18.37 5.79 14.47
C LEU C 155 16.89 5.61 14.79
N PHE C 156 16.53 5.06 15.95
CA PHE C 156 15.14 4.94 16.34
C PHE C 156 14.68 6.22 17.04
N HIS C 157 13.46 6.64 16.73
CA HIS C 157 12.85 7.75 17.42
C HIS C 157 11.42 7.38 17.76
N VAL C 158 10.92 7.94 18.85
CA VAL C 158 9.50 7.85 19.16
C VAL C 158 8.84 9.10 18.62
N ALA C 159 7.94 8.92 17.65
CA ALA C 159 7.19 10.03 17.10
C ALA C 159 5.99 10.29 17.98
N HIS C 160 5.74 11.56 18.30
CA HIS C 160 4.60 11.93 19.14
C HIS C 160 3.95 13.13 18.46
N PHE C 161 2.69 12.98 18.06
CA PHE C 161 2.03 13.98 17.22
C PHE C 161 1.18 14.88 18.09
N GLN C 162 1.75 16.04 18.47
CA GLN C 162 1.01 17.05 19.20
C GLN C 162 0.27 17.95 18.22
N ASP C 163 -0.55 18.86 18.76
CA ASP C 163 -1.34 19.74 17.91
C ASP C 163 -0.47 20.71 17.12
N HIS C 164 0.76 20.96 17.54
CA HIS C 164 1.66 21.85 16.82
C HIS C 164 2.61 21.10 15.89
N GLY C 165 2.39 19.81 15.69
CA GLY C 165 3.20 19.02 14.78
C GLY C 165 3.95 17.93 15.51
N MET C 166 4.83 17.27 14.78
CA MET C 166 5.48 16.07 15.28
C MET C 166 6.70 16.39 16.14
N VAL C 167 6.81 15.69 17.28
CA VAL C 167 8.04 15.66 18.04
C VAL C 167 8.67 14.28 17.90
N LEU C 168 9.97 14.25 17.62
CA LEU C 168 10.75 13.02 17.54
C LEU C 168 11.63 12.97 18.78
N GLU C 169 11.33 12.03 19.68
CA GLU C 169 12.02 11.93 20.95
C GLU C 169 13.01 10.77 20.93
N THR C 170 14.21 11.00 21.45
CA THR C 170 15.19 9.91 21.60
C THR C 170 14.71 8.92 22.65
N PRO C 171 14.56 7.63 22.33
CA PRO C 171 14.14 6.68 23.34
C PRO C 171 15.21 6.54 24.42
N ALA C 172 14.76 6.32 25.65
CA ALA C 172 15.71 6.08 26.72
C ALA C 172 16.45 4.77 26.52
N ARG C 173 15.81 3.81 25.86
CA ARG C 173 16.44 2.54 25.57
C ARG C 173 15.77 1.97 24.34
N VAL C 174 16.52 1.22 23.54
CA VAL C 174 15.95 0.42 22.47
C VAL C 174 16.28 -1.03 22.75
N GLU C 175 15.25 -1.86 22.93
CA GLU C 175 15.43 -3.29 23.17
C GLU C 175 15.13 -4.04 21.88
N PRO C 176 15.35 -5.37 21.84
CA PRO C 176 15.09 -6.12 20.60
C PRO C 176 13.71 -5.88 19.96
N HIS C 177 12.65 -5.64 20.74
CA HIS C 177 11.32 -5.58 20.15
C HIS C 177 10.47 -4.39 20.61
N PHE C 178 11.04 -3.47 21.37
CA PHE C 178 10.32 -2.26 21.75
C PHE C 178 11.32 -1.16 22.04
N ALA C 179 10.82 0.07 22.07
CA ALA C 179 11.57 1.25 22.46
C ALA C 179 10.95 1.83 23.72
N VAL C 180 11.80 2.33 24.60
CA VAL C 180 11.37 2.81 25.92
C VAL C 180 11.33 4.34 25.93
N LEU C 181 10.19 4.89 26.35
CA LEU C 181 10.00 6.32 26.51
C LEU C 181 9.73 6.56 28.00
N GLU C 182 10.64 7.22 28.71
CA GLU C 182 10.43 7.48 30.14
C GLU C 182 9.66 8.78 30.34
N ASN C 183 8.92 8.83 31.44
CA ASN C 183 8.10 9.97 31.81
C ASN C 183 7.28 10.56 30.65
N PRO C 184 6.46 9.75 29.98
CA PRO C 184 5.69 10.26 28.85
C PRO C 184 4.59 11.20 29.31
N SER C 185 4.33 12.23 28.51
CA SER C 185 3.24 13.18 28.75
C SER C 185 2.28 13.02 27.58
N PHE C 186 1.26 12.18 27.78
CA PHE C 186 0.32 11.83 26.73
C PHE C 186 -0.59 12.98 26.29
N SER D 1 -21.98 3.95 -12.92
CA SER D 1 -21.49 4.04 -11.53
C SER D 1 -19.93 3.92 -11.69
N PRO D 2 -19.11 3.69 -10.65
CA PRO D 2 -17.65 3.60 -10.90
C PRO D 2 -17.30 2.38 -11.75
N MET D 3 -16.35 2.56 -12.67
CA MET D 3 -15.94 1.48 -13.57
C MET D 3 -14.50 1.70 -14.05
N GLY D 4 -13.83 0.60 -14.37
CA GLY D 4 -12.44 0.60 -14.78
C GLY D 4 -12.06 -0.83 -15.09
N VAL D 5 -10.80 -1.02 -15.50
CA VAL D 5 -10.33 -2.29 -16.06
C VAL D 5 -9.59 -3.12 -15.01
N LEU D 6 -9.97 -4.40 -14.91
CA LEU D 6 -9.31 -5.42 -14.08
C LEU D 6 -8.67 -6.47 -14.97
N LEU D 7 -7.60 -7.10 -14.50
CA LEU D 7 -6.94 -8.19 -15.22
C LEU D 7 -6.90 -9.43 -14.34
N ARG D 8 -7.39 -10.57 -14.86
CA ARG D 8 -7.38 -11.81 -14.08
C ARG D 8 -5.95 -12.33 -13.97
N MET D 9 -5.50 -12.58 -12.74
CA MET D 9 -4.19 -13.15 -12.47
C MET D 9 -4.13 -14.64 -12.80
N ILE D 10 -2.92 -15.09 -13.15
CA ILE D 10 -2.60 -16.49 -13.42
C ILE D 10 -1.61 -16.96 -12.36
N PRO D 11 -1.79 -18.18 -11.81
CA PRO D 11 -0.90 -18.62 -10.71
C PRO D 11 0.58 -18.49 -11.02
N ALA D 12 0.96 -18.73 -12.28
CA ALA D 12 2.36 -18.64 -12.68
C ALA D 12 2.91 -17.22 -12.57
N VAL D 13 2.06 -16.20 -12.70
CA VAL D 13 2.49 -14.84 -12.98
C VAL D 13 2.27 -13.93 -11.78
N GLY D 14 1.08 -13.97 -11.19
CA GLY D 14 0.83 -13.08 -10.05
C GLY D 14 0.79 -11.61 -10.43
N HIS D 15 1.14 -10.76 -9.45
CA HIS D 15 1.04 -9.32 -9.56
C HIS D 15 2.14 -8.69 -10.41
N PHE D 16 3.16 -9.46 -10.76
CA PHE D 16 4.40 -8.87 -11.29
C PHE D 16 4.42 -9.07 -12.81
N ILE D 17 3.58 -8.28 -13.50
CA ILE D 17 3.31 -8.33 -14.94
C ILE D 17 3.93 -7.12 -15.64
N PRO D 18 4.05 -7.11 -17.00
CA PRO D 18 4.65 -5.94 -17.69
C PRO D 18 3.65 -4.82 -17.94
N ILE D 19 4.00 -3.57 -17.59
CA ILE D 19 3.08 -2.43 -17.66
C ILE D 19 3.75 -1.21 -18.28
N THR D 20 2.91 -0.32 -18.78
CA THR D 20 3.33 1.02 -19.17
C THR D 20 3.51 1.85 -17.90
N SER D 21 4.73 2.34 -17.66
CA SER D 21 5.00 3.16 -16.49
C SER D 21 5.23 4.59 -16.93
N ILE D 22 5.16 5.51 -15.98
CA ILE D 22 5.46 6.91 -16.24
C ILE D 22 6.40 7.37 -15.13
N THR D 23 7.37 8.19 -15.52
CA THR D 23 8.19 8.89 -14.55
C THR D 23 7.53 10.23 -14.28
N LEU D 24 7.52 10.66 -13.03
CA LEU D 24 7.01 11.99 -12.68
C LEU D 24 8.13 12.71 -11.95
N ILE D 25 8.55 13.87 -12.48
CA ILE D 25 9.61 14.66 -11.88
C ILE D 25 8.97 15.93 -11.32
N TYR D 26 9.28 16.23 -10.05
CA TYR D 26 8.83 17.46 -9.39
C TYR D 26 10.04 18.17 -8.84
N TYR D 27 10.02 19.51 -8.85
CA TYR D 27 11.12 20.29 -8.28
C TYR D 27 10.60 21.36 -7.34
N ARG D 28 11.45 21.73 -6.38
CA ARG D 28 11.29 22.96 -5.63
C ARG D 28 12.62 23.69 -5.63
N LEU D 29 12.60 24.94 -6.06
CA LEU D 29 13.75 25.82 -5.97
C LEU D 29 13.63 26.58 -4.66
N TYR D 30 14.59 26.41 -3.76
CA TYR D 30 14.56 27.13 -2.51
C TYR D 30 15.93 27.73 -2.24
N LEU D 31 15.98 29.07 -2.19
CA LEU D 31 17.21 29.84 -2.15
C LEU D 31 17.94 29.52 -3.45
N GLU D 32 19.20 29.10 -3.41
CA GLU D 32 19.89 28.81 -4.66
C GLU D 32 19.83 27.34 -5.05
N ASP D 33 19.28 26.49 -4.20
CA ASP D 33 19.41 25.05 -4.34
C ASP D 33 18.12 24.46 -4.86
N ILE D 34 18.25 23.34 -5.56
CA ILE D 34 17.09 22.67 -6.15
C ILE D 34 17.01 21.25 -5.63
N THR D 35 15.79 20.84 -5.28
CA THR D 35 15.46 19.49 -4.86
C THR D 35 14.49 18.90 -5.88
N PHE D 36 14.72 17.64 -6.24
CA PHE D 36 13.83 16.91 -7.15
C PHE D 36 13.20 15.74 -6.38
N HIS D 37 11.94 15.48 -6.69
CA HIS D 37 11.26 14.25 -6.29
C HIS D 37 10.99 13.45 -7.55
N LEU D 38 11.46 12.21 -7.59
CA LEU D 38 11.28 11.37 -8.77
C LEU D 38 10.38 10.18 -8.43
N TYR D 39 9.29 10.04 -9.17
CA TYR D 39 8.36 8.92 -9.01
C TYR D 39 8.40 8.03 -10.25
N LEU D 40 8.14 6.75 -10.02
CA LEU D 40 7.99 5.77 -11.09
C LEU D 40 6.72 4.99 -10.76
N VAL D 41 5.68 5.16 -11.57
CA VAL D 41 4.36 4.64 -11.22
C VAL D 41 3.69 4.11 -12.48
N PRO D 42 2.66 3.30 -12.32
CA PRO D 42 1.88 2.87 -13.48
C PRO D 42 1.26 4.07 -14.20
N ASN D 43 1.06 3.93 -15.51
CA ASN D 43 0.45 5.01 -16.27
C ASN D 43 -1.03 5.09 -15.93
N ASP D 44 -1.38 5.94 -14.98
CA ASP D 44 -2.70 5.95 -14.36
C ASP D 44 -2.98 7.40 -14.01
N CYS D 45 -3.90 8.04 -14.72
CA CYS D 45 -4.12 9.47 -14.49
C CYS D 45 -4.58 9.78 -13.07
N THR D 46 -5.27 8.84 -12.39
CA THR D 46 -5.73 9.12 -11.03
C THR D 46 -4.56 9.11 -10.04
N ILE D 47 -3.55 8.29 -10.32
CA ILE D 47 -2.32 8.32 -9.50
C ILE D 47 -1.55 9.60 -9.75
N ARG D 48 -1.35 9.96 -11.03
CA ARG D 48 -0.64 11.20 -11.33
C ARG D 48 -1.32 12.41 -10.72
N LYS D 49 -2.67 12.44 -10.74
CA LYS D 49 -3.43 13.54 -10.13
C LYS D 49 -3.20 13.63 -8.63
N ALA D 50 -3.26 12.49 -7.92
CA ALA D 50 -3.07 12.55 -6.47
C ALA D 50 -1.65 12.96 -6.10
N ILE D 51 -0.66 12.60 -6.91
CA ILE D 51 0.71 13.02 -6.63
C ILE D 51 0.87 14.51 -6.89
N ASP D 52 0.34 15.01 -8.02
CA ASP D 52 0.37 16.44 -8.32
C ASP D 52 -0.16 17.26 -7.15
N GLU D 53 -1.30 16.83 -6.57
CA GLU D 53 -1.93 17.59 -5.50
C GLU D 53 -1.11 17.53 -4.22
N GLU D 54 -0.61 16.33 -3.87
CA GLU D 54 0.24 16.19 -2.69
C GLU D 54 1.53 17.00 -2.82
N GLU D 55 2.16 16.97 -4.00
CA GLU D 55 3.39 17.72 -4.18
C GLU D 55 3.13 19.22 -4.17
N LEU D 56 1.99 19.67 -4.71
CA LEU D 56 1.71 21.10 -4.72
C LEU D 56 1.58 21.67 -3.31
N LYS D 57 1.09 20.87 -2.35
CA LYS D 57 1.00 21.34 -0.97
C LYS D 57 2.35 21.73 -0.41
N PHE D 58 3.42 21.09 -0.88
CA PHE D 58 4.77 21.38 -0.45
C PHE D 58 5.50 22.25 -1.44
N GLN D 59 4.76 22.87 -2.37
CA GLN D 59 5.27 23.83 -3.36
C GLN D 59 6.23 23.18 -4.36
N PHE D 60 6.06 21.88 -4.59
CA PHE D 60 6.76 21.15 -5.66
C PHE D 60 5.87 21.13 -6.91
N VAL D 61 6.45 21.43 -8.08
CA VAL D 61 5.69 21.45 -9.34
C VAL D 61 6.36 20.52 -10.35
N ARG D 62 5.52 19.92 -11.20
CA ARG D 62 5.96 18.88 -12.12
C ARG D 62 6.69 19.49 -13.32
N ILE D 63 7.77 18.83 -13.74
CA ILE D 63 8.46 19.12 -14.99
C ILE D 63 8.18 17.96 -15.94
N ASN D 64 7.69 18.26 -17.14
CA ASN D 64 7.39 17.20 -18.12
C ASN D 64 8.64 16.74 -18.85
N LYS D 65 8.88 15.43 -18.84
CA LYS D 65 9.91 14.76 -19.63
C LYS D 65 9.31 13.43 -20.06
N PRO D 66 9.74 12.87 -21.19
CA PRO D 66 9.12 11.64 -21.67
C PRO D 66 9.36 10.51 -20.68
N PRO D 67 8.45 9.53 -20.63
CA PRO D 67 8.59 8.43 -19.67
C PRO D 67 9.45 7.32 -20.25
N PRO D 68 9.71 6.23 -19.50
CA PRO D 68 10.46 5.10 -20.07
C PRO D 68 9.75 4.54 -21.28
N VAL D 69 10.51 4.22 -22.33
CA VAL D 69 9.88 3.78 -23.58
C VAL D 69 9.56 2.30 -23.60
N ASP D 70 10.20 1.49 -22.75
CA ASP D 70 9.94 0.06 -22.67
C ASP D 70 8.93 -0.25 -21.58
N ALA D 71 8.13 -1.30 -21.78
CA ALA D 71 7.32 -1.84 -20.70
C ALA D 71 8.21 -2.34 -19.56
N LEU D 72 7.79 -2.06 -18.32
CA LEU D 72 8.48 -2.49 -17.13
C LEU D 72 7.57 -3.43 -16.35
N TYR D 73 8.20 -4.30 -15.55
CA TYR D 73 7.49 -5.34 -14.82
C TYR D 73 7.16 -4.83 -13.42
N VAL D 74 5.92 -5.06 -12.98
CA VAL D 74 5.56 -4.70 -11.62
C VAL D 74 6.51 -5.41 -10.66
N GLY D 75 6.96 -4.69 -9.65
CA GLY D 75 7.90 -5.24 -8.69
C GLY D 75 9.35 -5.12 -9.08
N SER D 76 9.67 -4.82 -10.34
CA SER D 76 11.08 -4.63 -10.68
C SER D 76 11.61 -3.40 -9.94
N ARG D 77 12.92 -3.41 -9.71
CA ARG D 77 13.61 -2.39 -8.92
C ARG D 77 14.63 -1.65 -9.77
N TYR D 78 14.76 -0.36 -9.50
CA TYR D 78 15.57 0.55 -10.31
C TYR D 78 16.42 1.40 -9.38
N ILE D 79 17.63 1.71 -9.82
CA ILE D 79 18.55 2.56 -9.07
C ILE D 79 18.48 3.98 -9.65
N VAL D 80 18.29 4.96 -8.78
CA VAL D 80 18.27 6.38 -9.14
C VAL D 80 19.70 6.89 -9.06
N SER D 81 20.15 7.61 -10.09
CA SER D 81 21.49 8.15 -10.07
C SER D 81 21.54 9.43 -10.90
N SER D 82 22.70 10.08 -10.87
CA SER D 82 22.83 11.40 -11.47
C SER D 82 24.28 11.62 -11.95
N SER D 83 24.40 12.52 -12.93
CA SER D 83 25.70 12.92 -13.45
C SER D 83 26.46 13.77 -12.47
N LYS D 84 25.78 14.71 -11.81
CA LYS D 84 26.36 15.59 -10.81
C LYS D 84 26.45 14.87 -9.47
N GLU D 85 27.37 15.32 -8.63
CA GLU D 85 27.45 14.83 -7.25
C GLU D 85 26.20 15.27 -6.48
N VAL D 86 25.40 14.33 -6.02
CA VAL D 86 24.12 14.65 -5.40
C VAL D 86 23.82 13.68 -4.27
N GLU D 87 22.87 14.09 -3.42
CA GLU D 87 22.39 13.30 -2.29
C GLU D 87 21.02 12.72 -2.66
N ILE D 88 20.90 11.40 -2.65
CA ILE D 88 19.72 10.70 -3.15
C ILE D 88 19.15 9.82 -2.05
N LEU D 89 17.87 10.02 -1.71
CA LEU D 89 17.27 9.19 -0.67
C LEU D 89 15.81 8.87 -0.94
N PRO D 90 15.44 7.60 -1.11
CA PRO D 90 16.32 6.42 -1.20
C PRO D 90 16.96 6.34 -2.60
N LYS D 91 18.01 5.52 -2.79
CA LYS D 91 18.60 5.35 -4.13
C LYS D 91 17.82 4.38 -4.99
N GLU D 92 16.86 3.65 -4.43
CA GLU D 92 16.24 2.54 -5.11
C GLU D 92 14.71 2.69 -5.11
N LEU D 93 14.12 2.57 -6.29
CA LEU D 93 12.68 2.64 -6.44
C LEU D 93 12.16 1.29 -6.89
N GLU D 94 10.96 0.95 -6.43
CA GLU D 94 10.26 -0.22 -6.90
C GLU D 94 9.01 0.21 -7.65
N LEU D 95 8.76 -0.44 -8.78
CA LEU D 95 7.57 -0.16 -9.57
C LEU D 95 6.42 -1.00 -9.01
N CYS D 96 5.43 -0.33 -8.41
CA CYS D 96 4.26 -1.05 -7.94
C CYS D 96 3.03 -0.15 -8.03
N TYR D 97 1.86 -0.77 -7.98
CA TYR D 97 0.61 -0.04 -7.93
C TYR D 97 0.28 0.25 -6.48
N ARG D 98 0.13 1.53 -6.14
CA ARG D 98 -0.42 1.95 -4.86
C ARG D 98 -1.61 2.86 -5.14
N SER D 99 -2.68 2.68 -4.37
CA SER D 99 -3.93 3.38 -4.62
C SER D 99 -3.68 4.90 -4.61
N PRO D 100 -4.40 5.69 -5.44
CA PRO D 100 -4.25 7.14 -5.35
C PRO D 100 -4.50 7.65 -3.94
N ARG D 101 -5.17 6.87 -3.08
CA ARG D 101 -5.40 7.41 -1.75
C ARG D 101 -4.19 7.22 -0.83
N GLU D 102 -3.26 6.33 -1.17
CA GLU D 102 -2.07 6.18 -0.35
C GLU D 102 -0.95 7.06 -0.89
N SER D 103 -0.01 7.40 -0.01
CA SER D 103 1.20 8.09 -0.42
C SER D 103 1.95 7.24 -1.44
N GLN D 104 2.76 7.90 -2.26
CA GLN D 104 3.47 7.18 -3.31
C GLN D 104 4.96 7.24 -3.01
N LEU D 105 5.68 6.22 -3.46
CA LEU D 105 7.11 6.16 -3.22
C LEU D 105 7.84 7.09 -4.17
N PHE D 106 8.72 7.92 -3.64
CA PHE D 106 9.59 8.71 -4.50
C PHE D 106 11.00 8.73 -3.94
N SER D 107 11.91 9.13 -4.81
CA SER D 107 13.29 9.40 -4.46
C SER D 107 13.51 10.91 -4.41
N GLU D 108 14.09 11.38 -3.30
CA GLU D 108 14.45 12.78 -3.13
C GLU D 108 15.89 12.99 -3.56
N ILE D 109 16.13 14.00 -4.41
CA ILE D 109 17.44 14.29 -4.96
C ILE D 109 17.75 15.74 -4.65
N TYR D 110 18.60 15.96 -3.65
CA TYR D 110 19.09 17.30 -3.32
C TYR D 110 20.31 17.59 -4.16
N VAL D 111 20.20 18.62 -5.00
CA VAL D 111 21.22 18.92 -6.00
C VAL D 111 22.14 20.04 -5.55
N GLY D 112 21.59 21.07 -4.92
CA GLY D 112 22.34 22.30 -4.72
C GLY D 112 22.03 23.19 -5.90
N ASN D 113 22.96 24.05 -6.32
CA ASN D 113 22.67 24.86 -7.48
C ASN D 113 22.70 24.00 -8.75
N ILE D 114 21.80 24.33 -9.68
CA ILE D 114 21.62 23.50 -10.87
C ILE D 114 22.79 23.66 -11.85
N GLY D 115 23.42 24.83 -11.89
CA GLY D 115 24.53 25.01 -12.81
C GLY D 115 24.05 24.89 -14.25
N SER D 116 24.82 24.15 -15.06
CA SER D 116 24.49 23.95 -16.47
C SER D 116 23.29 23.04 -16.67
N GLY D 117 22.96 22.22 -15.69
CA GLY D 117 21.92 21.23 -15.80
C GLY D 117 22.38 19.94 -15.17
N ILE D 118 21.42 19.05 -14.91
CA ILE D 118 21.72 17.78 -14.24
C ILE D 118 21.02 16.64 -14.96
N ASN D 119 21.74 15.52 -15.13
CA ASN D 119 21.26 14.33 -15.82
C ASN D 119 20.84 13.31 -14.75
N LEU D 120 19.52 13.03 -14.67
CA LEU D 120 18.96 12.00 -13.80
C LEU D 120 18.76 10.70 -14.57
N GLN D 121 19.12 9.57 -13.94
CA GLN D 121 19.06 8.25 -14.56
C GLN D 121 18.33 7.23 -13.70
N LEU D 122 17.64 6.31 -14.37
CA LEU D 122 17.10 5.10 -13.76
C LEU D 122 17.73 3.89 -14.43
N THR D 123 18.27 3.00 -13.62
CA THR D 123 18.98 1.82 -14.09
C THR D 123 18.35 0.57 -13.49
N ASP D 124 18.13 -0.45 -14.31
CA ASP D 124 17.60 -1.69 -13.81
C ASP D 124 18.54 -2.27 -12.76
N LYS D 125 18.05 -2.47 -11.54
CA LYS D 125 18.91 -2.92 -10.44
C LYS D 125 19.54 -4.25 -10.76
N LYS D 126 18.79 -5.12 -11.43
CA LYS D 126 19.23 -6.48 -11.66
C LYS D 126 20.47 -6.45 -12.55
N TYR D 127 20.35 -5.97 -13.82
CA TYR D 127 21.46 -6.24 -14.74
C TYR D 127 22.19 -4.94 -15.11
N MET D 128 21.78 -3.82 -14.53
CA MET D 128 22.44 -2.51 -14.55
C MET D 128 22.29 -1.73 -15.85
N ASN D 129 21.39 -2.12 -16.75
CA ASN D 129 21.21 -1.37 -17.98
C ASN D 129 20.32 -0.13 -17.76
N LEU D 130 20.70 0.95 -18.43
CA LEU D 130 19.94 2.18 -18.42
C LEU D 130 18.56 1.95 -19.03
N ILE D 131 17.50 2.32 -18.30
CA ILE D 131 16.16 2.27 -18.86
C ILE D 131 15.57 3.65 -19.11
N TRP D 132 16.11 4.71 -18.51
CA TRP D 132 15.47 6.01 -18.63
C TRP D 132 16.44 7.08 -18.17
N GLU D 133 16.41 8.23 -18.84
CA GLU D 133 17.11 9.38 -18.28
C GLU D 133 16.42 10.66 -18.68
N ALA D 134 16.82 11.75 -18.04
CA ALA D 134 16.33 13.07 -18.39
C ALA D 134 17.44 14.10 -18.12
N LEU D 135 17.56 15.07 -19.01
CA LEU D 135 18.47 16.18 -18.79
C LEU D 135 17.63 17.36 -18.30
N LEU D 136 17.90 17.80 -17.08
CA LEU D 136 17.16 18.87 -16.44
C LEU D 136 18.05 20.10 -16.42
N LYS D 137 17.62 21.15 -17.10
CA LYS D 137 18.38 22.37 -17.33
C LYS D 137 17.62 23.60 -16.84
N PRO D 138 18.32 24.72 -16.56
CA PRO D 138 17.64 25.90 -16.01
C PRO D 138 16.39 26.31 -16.78
N GLY D 139 16.36 26.13 -18.11
CA GLY D 139 15.18 26.49 -18.87
C GLY D 139 13.96 25.64 -18.59
N ASP D 140 14.16 24.40 -18.10
CA ASP D 140 13.04 23.49 -17.85
C ASP D 140 12.19 23.90 -16.65
N LEU D 141 12.69 24.83 -15.84
CA LEU D 141 11.99 25.25 -14.62
C LEU D 141 10.79 26.16 -14.91
N ARG D 142 10.98 27.22 -15.68
CA ARG D 142 9.87 28.09 -16.14
C ARG D 142 8.90 28.49 -15.02
#